data_9CY2
#
_entry.id   9CY2
#
_cell.length_a   110.950
_cell.length_b   110.950
_cell.length_c   73.900
_cell.angle_alpha   90.000
_cell.angle_beta   90.000
_cell.angle_gamma   90.000
#
_symmetry.space_group_name_H-M   'P 41 21 2'
#
loop_
_entity.id
_entity.type
_entity.pdbx_description
1 polymer 'Farnesyl pyrophosphate synthase'
2 non-polymer 'PHOSPHATE ION'
3 non-polymer '[({5-[4-(cyclopropyloxy)phenyl]pyridin-3-yl}amino)methanediyl]bis(phosphonic acid)'
4 water water
#
_entity_poly.entity_id   1
_entity_poly.type   'polypeptide(L)'
_entity_poly.pdbx_seq_one_letter_code
;MGSSHHHHHHSSGRENLYFQGHMNGDQNSDVYAQEKQDFVQHFSQIVRVLTEDEMGHPEIGDAIARLKEVLEYNAIGGKY
NRGLTVVVAFRELVEPRKQDADSLQRAWTVGWCVELLQAFFLVADDIMDSSLTRRGQICWYQKPGVGLDAINDANLLEAC
IYRLLKLYCREQPYYLNLIELFLQSSYQTEIGQTLDLLTAPQGNVDLVRFTEKRYKSIVKYKTAFYSFYLPIAAAMYMAG
IDGEKEHANAKKILLEMGEFFQIQDDYLDLFGDPSVTGKIGTDIQDNKCSWLVVQCLQRATPEQYQILKENYGQKEAEKV
ARVKALYEELDLPAVFLQYEEDSYSHIMALIEQYAAPLPPAVFLGLARKIYKRRK
;
_entity_poly.pdbx_strand_id   F
#
loop_
_chem_comp.id
_chem_comp.type
_chem_comp.name
_chem_comp.formula
JD5 non-polymer '[({5-[4-(cyclopropyloxy)phenyl]pyridin-3-yl}amino)methanediyl]bis(phosphonic acid)' 'C15 H18 N2 O7 P2'
PO4 non-polymer 'PHOSPHATE ION' 'O4 P -3'
#
# COMPACT_ATOMS: atom_id res chain seq x y z
N ASP A 30 16.47 -1.07 11.13
CA ASP A 30 16.92 0.17 11.82
C ASP A 30 17.42 1.22 10.82
N VAL A 31 17.80 0.78 9.60
CA VAL A 31 18.05 1.72 8.51
C VAL A 31 16.79 2.58 8.31
N TYR A 32 15.62 1.97 8.51
CA TYR A 32 14.35 2.68 8.52
C TYR A 32 14.21 3.48 9.83
N ALA A 33 14.53 2.86 10.97
CA ALA A 33 14.36 3.53 12.27
C ALA A 33 15.23 4.78 12.39
N GLN A 34 16.37 4.80 11.67
CA GLN A 34 17.28 5.94 11.65
C GLN A 34 16.68 7.12 10.86
N GLU A 35 16.05 6.85 9.71
CA GLU A 35 15.51 7.92 8.88
C GLU A 35 14.21 8.49 9.44
N LYS A 36 13.48 7.70 10.25
CA LYS A 36 12.12 8.02 10.64
C LYS A 36 12.02 9.36 11.36
N GLN A 37 12.98 9.70 12.22
CA GLN A 37 12.86 10.91 13.03
C GLN A 37 12.70 12.13 12.12
N ASP A 38 13.62 12.29 11.15
CA ASP A 38 13.66 13.48 10.30
C ASP A 38 12.55 13.46 9.24
N PHE A 39 12.01 12.27 8.95
CA PHE A 39 10.93 12.12 8.00
C PHE A 39 9.67 12.75 8.61
N VAL A 40 9.26 12.25 9.77
CA VAL A 40 8.05 12.71 10.43
C VAL A 40 8.18 14.19 10.81
N GLN A 41 9.40 14.66 11.12
CA GLN A 41 9.61 16.05 11.49
C GLN A 41 9.36 16.95 10.29
N HIS A 42 9.65 16.44 9.08
CA HIS A 42 9.52 17.19 7.83
C HIS A 42 8.04 17.46 7.54
N PHE A 43 7.14 16.63 8.10
CA PHE A 43 5.72 16.77 7.86
C PHE A 43 5.24 18.18 8.21
N SER A 44 5.72 18.70 9.33
CA SER A 44 5.39 20.05 9.75
C SER A 44 5.62 21.06 8.62
N GLN A 45 6.69 20.87 7.84
CA GLN A 45 7.04 21.76 6.76
C GLN A 45 6.15 21.53 5.53
N ILE A 46 5.87 20.26 5.22
CA ILE A 46 4.93 19.87 4.18
C ILE A 46 3.63 20.66 4.35
N VAL A 47 3.14 20.69 5.58
CA VAL A 47 1.86 21.33 5.87
C VAL A 47 2.00 22.86 5.76
N ARG A 48 3.12 23.42 6.20
CA ARG A 48 3.31 24.86 6.16
C ARG A 48 3.18 25.35 4.71
N VAL A 49 3.93 24.70 3.81
CA VAL A 49 4.06 25.14 2.43
C VAL A 49 2.75 24.91 1.68
N LEU A 50 1.98 23.89 2.07
CA LEU A 50 0.73 23.60 1.41
C LEU A 50 -0.36 24.52 1.94
N THR A 51 -0.07 25.35 2.95
CA THR A 51 -1.04 26.33 3.41
C THR A 51 -0.42 27.73 3.45
N GLU A 52 0.56 28.00 2.59
CA GLU A 52 1.36 29.22 2.68
C GLU A 52 0.70 30.35 1.87
N GLY A 56 -1.39 35.22 0.72
CA GLY A 56 -1.33 35.41 -0.75
C GLY A 56 -2.73 35.48 -1.36
N HIS A 57 -3.55 34.45 -1.07
CA HIS A 57 -4.89 34.32 -1.62
C HIS A 57 -5.89 34.27 -0.47
N PRO A 58 -6.18 35.39 0.22
CA PRO A 58 -6.86 35.35 1.52
C PRO A 58 -8.29 34.84 1.51
N GLU A 59 -8.92 34.87 0.33
CA GLU A 59 -10.33 34.55 0.17
C GLU A 59 -10.59 33.06 0.40
N ILE A 60 -9.57 32.22 0.23
CA ILE A 60 -9.70 30.77 0.31
C ILE A 60 -9.22 30.25 1.66
N GLY A 61 -8.95 31.14 2.63
CA GLY A 61 -8.37 30.74 3.90
C GLY A 61 -9.10 29.55 4.53
N ASP A 62 -10.42 29.63 4.60
CA ASP A 62 -11.23 28.62 5.27
C ASP A 62 -11.08 27.26 4.61
N ALA A 63 -10.92 27.24 3.28
CA ALA A 63 -10.73 25.99 2.57
C ALA A 63 -9.35 25.42 2.89
N ILE A 64 -8.36 26.31 3.06
CA ILE A 64 -7.01 25.89 3.35
C ILE A 64 -6.92 25.33 4.77
N ALA A 65 -7.66 25.91 5.71
CA ALA A 65 -7.77 25.36 7.06
C ALA A 65 -8.34 23.95 6.98
N ARG A 66 -9.37 23.76 6.15
CA ARG A 66 -9.94 22.43 6.03
C ARG A 66 -8.87 21.49 5.49
N LEU A 67 -8.05 21.97 4.55
CA LEU A 67 -7.01 21.16 3.96
C LEU A 67 -6.01 20.74 5.03
N LYS A 68 -5.65 21.69 5.90
CA LYS A 68 -4.76 21.40 7.01
C LYS A 68 -5.31 20.26 7.85
N GLU A 69 -6.61 20.30 8.16
CA GLU A 69 -7.23 19.29 9.01
C GLU A 69 -7.18 17.92 8.31
N VAL A 70 -7.44 17.89 7.00
CA VAL A 70 -7.48 16.65 6.23
C VAL A 70 -6.11 15.98 6.24
N LEU A 71 -5.04 16.77 6.02
CA LEU A 71 -3.68 16.27 6.06
C LEU A 71 -3.33 15.68 7.43
N GLU A 72 -3.55 16.45 8.50
CA GLU A 72 -3.14 16.01 9.82
C GLU A 72 -3.89 14.76 10.24
N TYR A 73 -5.16 14.63 9.83
CA TYR A 73 -5.93 13.48 10.29
C TYR A 73 -5.51 12.24 9.50
N ASN A 74 -5.24 12.39 8.20
CA ASN A 74 -5.22 11.23 7.33
C ASN A 74 -3.80 10.78 6.96
N ALA A 75 -2.85 11.71 6.87
CA ALA A 75 -1.50 11.38 6.45
C ALA A 75 -0.64 10.93 7.63
N ILE A 76 -1.06 11.23 8.86
CA ILE A 76 -0.33 10.88 10.06
C ILE A 76 -0.96 9.68 10.76
N GLY A 77 -0.12 8.76 11.28
CA GLY A 77 -0.59 7.74 12.21
C GLY A 77 -0.25 6.31 11.80
N GLY A 78 0.27 6.13 10.58
CA GLY A 78 0.65 4.82 10.10
C GLY A 78 2.11 4.54 10.41
N LYS A 79 2.67 3.50 9.79
CA LYS A 79 4.08 3.16 9.94
C LYS A 79 4.96 4.00 9.01
N TYR A 80 4.41 4.49 7.88
CA TYR A 80 5.16 5.35 6.96
C TYR A 80 6.19 4.56 6.17
N ASN A 81 5.98 3.25 6.02
CA ASN A 81 6.95 2.39 5.36
C ASN A 81 7.16 2.82 3.91
N ARG A 82 6.07 3.08 3.20
CA ARG A 82 6.18 3.43 1.79
C ARG A 82 6.97 4.73 1.63
N GLY A 83 6.61 5.76 2.39
CA GLY A 83 7.32 7.02 2.32
C GLY A 83 8.81 6.83 2.61
N LEU A 84 9.09 6.07 3.67
CA LEU A 84 10.44 5.91 4.17
C LEU A 84 11.30 5.17 3.16
N THR A 85 10.70 4.26 2.39
CA THR A 85 11.44 3.55 1.37
C THR A 85 12.06 4.54 0.38
N VAL A 86 11.33 5.62 0.05
CA VAL A 86 11.87 6.59 -0.88
C VAL A 86 13.19 7.12 -0.32
N VAL A 87 13.21 7.42 0.97
CA VAL A 87 14.34 8.12 1.57
C VAL A 87 15.50 7.15 1.71
N VAL A 88 15.19 5.92 2.13
CA VAL A 88 16.20 4.90 2.33
C VAL A 88 16.81 4.52 0.98
N ALA A 89 15.98 4.33 -0.04
CA ALA A 89 16.48 4.03 -1.37
C ALA A 89 17.37 5.18 -1.87
N PHE A 90 16.95 6.42 -1.64
CA PHE A 90 17.72 7.55 -2.11
C PHE A 90 19.13 7.49 -1.52
N ARG A 91 19.20 7.25 -0.21
CA ARG A 91 20.47 7.11 0.49
C ARG A 91 21.36 6.02 -0.11
N GLU A 92 20.77 4.92 -0.58
CA GLU A 92 21.52 3.78 -1.10
C GLU A 92 21.81 3.93 -2.60
N LEU A 93 21.21 4.91 -3.28
CA LEU A 93 21.33 4.98 -4.74
C LEU A 93 22.17 6.17 -5.19
N VAL A 94 22.46 7.12 -4.29
CA VAL A 94 23.19 8.33 -4.64
C VAL A 94 24.56 8.31 -3.96
N GLU A 95 25.60 8.76 -4.70
CA GLU A 95 26.92 8.96 -4.10
C GLU A 95 26.76 9.88 -2.89
N PRO A 96 27.31 9.50 -1.70
CA PRO A 96 27.12 10.29 -0.47
C PRO A 96 27.58 11.75 -0.53
N ARG A 97 28.40 12.07 -1.53
CA ARG A 97 28.88 13.42 -1.74
C ARG A 97 27.82 14.27 -2.47
N LYS A 98 26.84 13.63 -3.13
CA LYS A 98 25.76 14.33 -3.83
C LYS A 98 24.47 14.30 -3.01
N GLN A 99 24.58 14.04 -1.70
CA GLN A 99 23.43 14.09 -0.81
C GLN A 99 23.57 15.37 0.05
N ASP A 100 23.40 16.50 -0.66
CA ASP A 100 23.35 17.82 -0.05
C ASP A 100 21.97 18.03 0.58
N ALA A 101 21.85 19.17 1.29
CA ALA A 101 20.70 19.47 2.12
C ALA A 101 19.43 19.46 1.29
N ASP A 102 19.50 20.15 0.13
CA ASP A 102 18.41 20.25 -0.84
C ASP A 102 17.95 18.88 -1.31
N SER A 103 18.90 18.02 -1.69
CA SER A 103 18.58 16.68 -2.15
C SER A 103 17.73 15.93 -1.13
N LEU A 104 18.02 16.15 0.17
CA LEU A 104 17.35 15.44 1.24
C LEU A 104 15.96 16.00 1.49
N GLN A 105 15.81 17.33 1.48
CA GLN A 105 14.50 17.97 1.42
C GLN A 105 13.62 17.32 0.34
N ARG A 106 14.16 17.17 -0.87
CA ARG A 106 13.40 16.61 -1.98
C ARG A 106 13.04 15.15 -1.74
N ALA A 107 13.94 14.36 -1.13
CA ALA A 107 13.69 12.95 -0.89
C ALA A 107 12.62 12.75 0.19
N TRP A 108 12.68 13.53 1.28
CA TRP A 108 11.62 13.57 2.27
C TRP A 108 10.30 13.95 1.61
N THR A 109 10.33 14.95 0.72
CA THR A 109 9.10 15.46 0.13
C THR A 109 8.46 14.37 -0.74
N VAL A 110 9.25 13.75 -1.61
CA VAL A 110 8.67 12.73 -2.47
C VAL A 110 8.17 11.57 -1.61
N GLY A 111 8.88 11.25 -0.53
CA GLY A 111 8.39 10.27 0.43
C GLY A 111 7.02 10.68 0.98
N TRP A 112 6.87 11.96 1.34
CA TRP A 112 5.59 12.40 1.84
C TRP A 112 4.53 12.37 0.74
N CYS A 113 4.92 12.56 -0.52
CA CYS A 113 4.01 12.42 -1.64
C CYS A 113 3.45 11.00 -1.72
N VAL A 114 4.29 10.00 -1.43
CA VAL A 114 3.84 8.63 -1.45
C VAL A 114 2.83 8.43 -0.33
N GLU A 115 3.08 9.06 0.81
CA GLU A 115 2.17 8.88 1.93
C GLU A 115 0.85 9.57 1.60
N LEU A 116 0.89 10.70 0.88
CA LEU A 116 -0.32 11.42 0.49
C LEU A 116 -1.10 10.61 -0.55
N LEU A 117 -0.40 9.97 -1.48
CA LEU A 117 -1.07 9.09 -2.40
C LEU A 117 -1.87 8.07 -1.58
N GLN A 118 -1.23 7.47 -0.56
CA GLN A 118 -1.87 6.40 0.19
C GLN A 118 -3.09 6.94 0.96
N ALA A 119 -2.98 8.13 1.52
CA ALA A 119 -4.08 8.77 2.25
C ALA A 119 -5.28 8.95 1.31
N PHE A 120 -5.01 9.39 0.08
CA PHE A 120 -6.04 9.55 -0.93
C PHE A 120 -6.78 8.22 -1.12
N PHE A 121 -6.03 7.14 -1.39
CA PHE A 121 -6.68 5.87 -1.65
C PHE A 121 -7.49 5.39 -0.45
N LEU A 122 -6.96 5.59 0.77
CA LEU A 122 -7.56 4.95 1.93
C LEU A 122 -8.79 5.73 2.38
N VAL A 123 -8.73 7.06 2.33
CA VAL A 123 -9.89 7.86 2.65
C VAL A 123 -11.07 7.45 1.76
N ALA A 124 -10.84 7.35 0.44
CA ALA A 124 -11.87 6.98 -0.51
C ALA A 124 -12.31 5.52 -0.35
N ASP A 125 -11.35 4.62 -0.13
CA ASP A 125 -11.66 3.21 0.02
C ASP A 125 -12.54 2.95 1.23
N ASP A 126 -12.33 3.73 2.28
CA ASP A 126 -13.05 3.57 3.53
C ASP A 126 -14.51 3.96 3.29
N ILE A 127 -14.75 4.94 2.41
CA ILE A 127 -16.12 5.31 2.06
C ILE A 127 -16.73 4.17 1.26
N MET A 128 -16.01 3.68 0.27
CA MET A 128 -16.61 2.70 -0.61
C MET A 128 -16.95 1.42 0.11
N ASP A 129 -16.15 1.04 1.12
CA ASP A 129 -16.36 -0.21 1.84
C ASP A 129 -17.21 0.01 3.09
N SER A 130 -17.64 1.24 3.36
CA SER A 130 -18.41 1.51 4.57
C SER A 130 -17.65 1.02 5.80
N SER A 131 -16.37 1.38 5.87
CA SER A 131 -15.50 1.06 7.00
C SER A 131 -15.81 1.98 8.17
N LEU A 132 -15.51 1.50 9.38
CA LEU A 132 -15.77 2.24 10.59
C LEU A 132 -14.50 2.94 11.07
N THR A 133 -13.40 2.18 11.18
CA THR A 133 -12.18 2.70 11.77
C THR A 133 -11.04 2.44 10.81
N ARG A 134 -10.00 3.23 10.97
CA ARG A 134 -8.73 2.98 10.31
C ARG A 134 -7.61 3.37 11.26
N ARG A 135 -6.76 2.40 11.63
CA ARG A 135 -5.69 2.62 12.59
C ARG A 135 -6.29 2.89 13.97
N GLY A 136 -7.37 2.17 14.32
CA GLY A 136 -8.07 2.34 15.58
C GLY A 136 -8.65 3.74 15.81
N GLN A 137 -8.71 4.56 14.76
CA GLN A 137 -9.39 5.84 14.78
C GLN A 137 -10.63 5.75 13.89
N ILE A 138 -11.64 6.53 14.24
CA ILE A 138 -12.82 6.69 13.41
C ILE A 138 -12.36 7.12 12.01
N CYS A 139 -12.82 6.44 10.96
CA CYS A 139 -12.54 6.87 9.60
C CYS A 139 -12.96 8.33 9.42
N TRP A 140 -12.19 9.06 8.62
CA TRP A 140 -12.44 10.46 8.35
C TRP A 140 -13.89 10.72 7.93
N TYR A 141 -14.41 9.92 6.99
CA TYR A 141 -15.76 10.16 6.51
C TYR A 141 -16.83 9.96 7.60
N GLN A 142 -16.50 9.21 8.66
CA GLN A 142 -17.42 8.90 9.74
C GLN A 142 -17.41 9.98 10.81
N LYS A 143 -16.41 10.87 10.76
CA LYS A 143 -16.39 11.98 11.69
C LYS A 143 -17.61 12.86 11.45
N PRO A 144 -18.28 13.35 12.51
CA PRO A 144 -19.52 14.08 12.30
C PRO A 144 -19.20 15.42 11.63
N GLY A 145 -20.02 15.77 10.63
CA GLY A 145 -19.82 16.98 9.84
C GLY A 145 -18.80 16.78 8.72
N VAL A 146 -18.49 15.52 8.41
CA VAL A 146 -17.64 15.21 7.28
C VAL A 146 -18.45 14.41 6.26
N GLY A 147 -18.74 13.16 6.56
CA GLY A 147 -19.60 12.39 5.66
C GLY A 147 -18.97 12.33 4.27
N LEU A 148 -19.80 12.54 3.24
CA LEU A 148 -19.39 12.32 1.87
C LEU A 148 -18.56 13.50 1.34
N ASP A 149 -18.45 14.59 2.11
CA ASP A 149 -17.49 15.63 1.81
C ASP A 149 -16.08 15.06 1.77
N ALA A 150 -15.88 13.93 2.43
CA ALA A 150 -14.59 13.26 2.40
C ALA A 150 -14.17 12.92 0.98
N ILE A 151 -15.11 12.84 0.02
CA ILE A 151 -14.74 12.52 -1.36
C ILE A 151 -13.86 13.64 -1.92
N ASN A 152 -14.23 14.89 -1.63
CA ASN A 152 -13.47 16.01 -2.09
C ASN A 152 -12.15 16.07 -1.34
N ASP A 153 -12.17 15.74 -0.04
CA ASP A 153 -11.00 15.75 0.82
C ASP A 153 -9.96 14.76 0.28
N ALA A 154 -10.41 13.58 -0.12
CA ALA A 154 -9.52 12.62 -0.74
C ALA A 154 -8.87 13.21 -1.99
N ASN A 155 -9.70 13.81 -2.84
CA ASN A 155 -9.21 14.42 -4.06
C ASN A 155 -8.16 15.50 -3.76
N LEU A 156 -8.37 16.30 -2.71
CA LEU A 156 -7.40 17.33 -2.34
C LEU A 156 -6.05 16.70 -1.97
N LEU A 157 -6.07 15.57 -1.27
CA LEU A 157 -4.87 14.86 -0.92
C LEU A 157 -4.10 14.45 -2.18
N GLU A 158 -4.80 14.03 -3.22
CA GLU A 158 -4.14 13.68 -4.48
C GLU A 158 -3.56 14.95 -5.08
N ALA A 159 -4.31 16.05 -5.03
CA ALA A 159 -3.83 17.30 -5.58
C ALA A 159 -2.50 17.71 -4.94
N CYS A 160 -2.37 17.46 -3.64
CA CYS A 160 -1.26 17.99 -2.86
C CYS A 160 0.06 17.39 -3.35
N ILE A 161 0.03 16.13 -3.81
CA ILE A 161 1.19 15.46 -4.40
C ILE A 161 1.82 16.35 -5.47
N TYR A 162 1.00 16.83 -6.42
CA TYR A 162 1.53 17.50 -7.60
C TYR A 162 1.87 18.93 -7.21
N ARG A 163 1.21 19.44 -6.16
CA ARG A 163 1.63 20.74 -5.63
C ARG A 163 3.06 20.64 -5.07
N LEU A 164 3.32 19.62 -4.25
CA LEU A 164 4.63 19.41 -3.66
C LEU A 164 5.68 19.18 -4.74
N LEU A 165 5.37 18.32 -5.72
CA LEU A 165 6.33 18.03 -6.77
C LEU A 165 6.70 19.33 -7.48
N LYS A 166 5.73 20.23 -7.70
CA LYS A 166 6.05 21.46 -8.39
C LYS A 166 6.92 22.34 -7.51
N LEU A 167 6.61 22.39 -6.20
CA LEU A 167 7.23 23.35 -5.30
C LEU A 167 8.69 22.96 -5.04
N TYR A 168 9.00 21.68 -5.08
CA TYR A 168 10.30 21.18 -4.67
C TYR A 168 11.09 20.64 -5.86
N CYS A 169 10.43 20.18 -6.93
CA CYS A 169 11.16 19.44 -7.95
C CYS A 169 11.01 19.99 -9.37
N ARG A 170 10.34 21.14 -9.57
CA ARG A 170 10.04 21.56 -10.95
C ARG A 170 11.32 21.77 -11.75
N GLU A 171 12.41 22.17 -11.11
CA GLU A 171 13.61 22.52 -11.85
C GLU A 171 14.48 21.29 -12.08
N GLN A 172 14.08 20.11 -11.59
CA GLN A 172 14.96 18.95 -11.63
C GLN A 172 14.73 18.16 -12.91
N PRO A 173 15.75 17.42 -13.39
CA PRO A 173 15.61 16.64 -14.63
C PRO A 173 14.61 15.50 -14.53
N TYR A 174 14.25 15.09 -13.31
CA TYR A 174 13.40 13.92 -13.13
C TYR A 174 11.93 14.34 -12.92
N TYR A 175 11.64 15.65 -13.01
CA TYR A 175 10.35 16.20 -12.63
C TYR A 175 9.22 15.50 -13.38
N LEU A 176 9.31 15.49 -14.71
CA LEU A 176 8.27 14.90 -15.55
C LEU A 176 8.17 13.40 -15.25
N ASN A 177 9.30 12.72 -15.05
CA ASN A 177 9.29 11.29 -14.76
C ASN A 177 8.51 10.97 -13.48
N LEU A 178 8.62 11.82 -12.46
CA LEU A 178 7.90 11.62 -11.20
C LEU A 178 6.41 11.92 -11.41
N ILE A 179 6.09 13.03 -12.08
CA ILE A 179 4.70 13.34 -12.33
C ILE A 179 4.05 12.10 -12.98
N GLU A 180 4.63 11.61 -14.07
CA GLU A 180 4.07 10.46 -14.77
C GLU A 180 4.00 9.22 -13.90
N LEU A 181 4.94 9.06 -12.95
CA LEU A 181 5.00 7.86 -12.12
C LEU A 181 3.86 7.87 -11.12
N PHE A 182 3.64 9.03 -10.49
CA PHE A 182 2.53 9.18 -9.57
C PHE A 182 1.19 8.99 -10.29
N LEU A 183 1.04 9.54 -11.49
CA LEU A 183 -0.20 9.44 -12.24
C LEU A 183 -0.44 7.99 -12.65
N GLN A 184 0.61 7.36 -13.15
CA GLN A 184 0.52 5.95 -13.54
C GLN A 184 0.11 5.11 -12.32
N SER A 185 0.63 5.47 -11.14
CA SER A 185 0.37 4.72 -9.92
C SER A 185 -1.07 4.85 -9.47
N SER A 186 -1.62 6.07 -9.49
CA SER A 186 -3.05 6.27 -9.29
C SER A 186 -3.88 5.42 -10.23
N TYR A 187 -3.56 5.44 -11.51
CA TYR A 187 -4.37 4.74 -12.49
C TYR A 187 -4.34 3.23 -12.20
N GLN A 188 -3.17 2.71 -11.89
CA GLN A 188 -3.02 1.29 -11.64
C GLN A 188 -3.86 0.90 -10.42
N THR A 189 -3.75 1.72 -9.36
CA THR A 189 -4.46 1.42 -8.13
C THR A 189 -5.98 1.48 -8.37
N GLU A 190 -6.43 2.45 -9.16
CA GLU A 190 -7.84 2.61 -9.43
C GLU A 190 -8.39 1.44 -10.23
N ILE A 191 -7.62 0.97 -11.21
CA ILE A 191 -8.01 -0.20 -11.98
C ILE A 191 -8.16 -1.39 -11.04
N GLY A 192 -7.18 -1.55 -10.14
CA GLY A 192 -7.21 -2.62 -9.16
C GLY A 192 -8.43 -2.51 -8.26
N GLN A 193 -8.78 -1.28 -7.86
CA GLN A 193 -9.93 -1.08 -7.02
C GLN A 193 -11.20 -1.51 -7.76
N THR A 194 -11.25 -1.20 -9.07
CA THR A 194 -12.37 -1.59 -9.90
C THR A 194 -12.51 -3.11 -9.87
N LEU A 195 -11.40 -3.83 -10.00
CA LEU A 195 -11.46 -5.29 -10.01
C LEU A 195 -11.95 -5.80 -8.66
N ASP A 196 -11.44 -5.22 -7.58
CA ASP A 196 -11.88 -5.63 -6.25
C ASP A 196 -13.40 -5.44 -6.17
N LEU A 197 -13.90 -4.26 -6.53
CA LEU A 197 -15.32 -3.94 -6.43
C LEU A 197 -16.17 -4.86 -7.31
N LEU A 198 -15.69 -5.23 -8.50
CA LEU A 198 -16.40 -6.18 -9.36
C LEU A 198 -16.35 -7.58 -8.74
N THR A 199 -15.33 -7.87 -7.94
CA THR A 199 -15.06 -9.23 -7.51
C THR A 199 -15.89 -9.56 -6.27
N ALA A 200 -16.04 -8.58 -5.38
CA ALA A 200 -16.85 -8.74 -4.17
C ALA A 200 -17.90 -7.64 -4.09
N PRO A 201 -18.97 -7.64 -4.91
CA PRO A 201 -20.09 -6.73 -4.67
C PRO A 201 -20.60 -6.87 -3.23
N GLN A 202 -20.62 -5.75 -2.49
CA GLN A 202 -20.90 -5.76 -1.05
C GLN A 202 -22.38 -6.16 -0.79
N ASN A 204 -23.79 -9.08 -1.80
CA ASN A 204 -24.01 -9.67 -3.15
C ASN A 204 -22.73 -10.37 -3.61
N VAL A 205 -22.04 -11.05 -2.70
CA VAL A 205 -20.79 -11.72 -3.02
C VAL A 205 -21.10 -13.16 -3.46
N ASP A 206 -20.32 -13.59 -4.44
CA ASP A 206 -20.40 -14.91 -5.03
C ASP A 206 -18.98 -15.46 -5.10
N LEU A 207 -18.79 -16.67 -4.55
CA LEU A 207 -17.48 -17.25 -4.38
C LEU A 207 -16.89 -17.72 -5.71
N VAL A 208 -17.76 -17.96 -6.71
CA VAL A 208 -17.32 -18.36 -8.04
C VAL A 208 -16.34 -17.34 -8.62
N ARG A 209 -16.43 -16.07 -8.18
CA ARG A 209 -15.56 -15.02 -8.70
C ARG A 209 -14.18 -14.98 -8.01
N PHE A 210 -14.02 -15.65 -6.87
CA PHE A 210 -12.78 -15.60 -6.10
C PHE A 210 -11.74 -16.58 -6.63
N THR A 211 -11.09 -16.26 -7.78
CA THR A 211 -10.10 -17.17 -8.40
C THR A 211 -8.68 -16.65 -8.13
N GLU A 212 -7.68 -17.52 -8.33
CA GLU A 212 -6.29 -17.19 -8.05
C GLU A 212 -5.79 -16.13 -9.05
N LYS A 213 -6.03 -16.38 -10.34
CA LYS A 213 -5.66 -15.43 -11.39
C LYS A 213 -6.27 -14.06 -11.07
N ARG A 214 -7.52 -14.05 -10.60
CA ARG A 214 -8.16 -12.79 -10.25
C ARG A 214 -7.58 -12.21 -8.96
N TYR A 215 -7.27 -13.08 -7.99
CA TYR A 215 -6.63 -12.65 -6.75
C TYR A 215 -5.30 -11.94 -7.06
N LYS A 216 -4.49 -12.59 -7.92
CA LYS A 216 -3.17 -12.04 -8.22
C LYS A 216 -3.31 -10.68 -8.91
N SER A 217 -4.26 -10.54 -9.85
CA SER A 217 -4.44 -9.27 -10.55
C SER A 217 -4.81 -8.17 -9.57
N ILE A 218 -5.70 -8.46 -8.63
CA ILE A 218 -6.16 -7.42 -7.71
C ILE A 218 -4.96 -6.90 -6.91
N VAL A 219 -4.20 -7.84 -6.35
CA VAL A 219 -3.07 -7.47 -5.52
C VAL A 219 -2.07 -6.64 -6.32
N LYS A 220 -1.78 -7.12 -7.53
CA LYS A 220 -0.81 -6.46 -8.37
C LYS A 220 -1.18 -5.01 -8.62
N TYR A 221 -2.41 -4.77 -9.12
CA TYR A 221 -2.86 -3.46 -9.55
C TYR A 221 -3.22 -2.60 -8.35
N LYS A 222 -3.89 -3.18 -7.35
CA LYS A 222 -4.45 -2.43 -6.23
C LYS A 222 -3.40 -2.07 -5.15
N THR A 223 -2.41 -2.93 -4.87
CA THR A 223 -1.48 -2.66 -3.77
C THR A 223 -0.01 -2.68 -4.18
N ALA A 224 0.40 -3.59 -5.07
CA ALA A 224 1.82 -3.89 -5.25
C ALA A 224 2.54 -2.74 -5.96
N PHE A 225 1.87 -2.17 -6.96
CA PHE A 225 2.49 -1.15 -7.77
C PHE A 225 2.80 0.06 -6.90
N TYR A 226 1.82 0.57 -6.14
CA TYR A 226 2.01 1.84 -5.44
C TYR A 226 2.78 1.61 -4.16
N SER A 227 2.69 0.39 -3.60
CA SER A 227 3.31 0.09 -2.34
C SER A 227 4.79 -0.31 -2.48
N PHE A 228 5.13 -1.05 -3.54
CA PHE A 228 6.46 -1.62 -3.69
C PHE A 228 7.20 -1.00 -4.87
N TYR A 229 6.55 -0.86 -6.04
CA TYR A 229 7.27 -0.33 -7.18
C TYR A 229 7.47 1.18 -7.04
N LEU A 230 6.38 1.90 -6.76
CA LEU A 230 6.40 3.35 -6.73
C LEU A 230 7.57 3.90 -5.91
N PRO A 231 7.74 3.54 -4.62
CA PRO A 231 8.73 4.27 -3.81
C PRO A 231 10.17 4.08 -4.29
N ILE A 232 10.51 2.86 -4.73
CA ILE A 232 11.83 2.57 -5.22
C ILE A 232 12.03 3.33 -6.53
N ALA A 233 11.00 3.30 -7.40
CA ALA A 233 11.05 3.96 -8.69
C ALA A 233 11.29 5.45 -8.51
N ALA A 234 10.56 6.08 -7.59
CA ALA A 234 10.74 7.50 -7.36
C ALA A 234 12.20 7.78 -7.00
N ALA A 235 12.79 6.88 -6.20
CA ALA A 235 14.16 7.02 -5.75
C ALA A 235 15.14 6.82 -6.91
N MET A 236 14.86 5.82 -7.75
CA MET A 236 15.63 5.57 -8.96
C MET A 236 15.69 6.87 -9.78
N TYR A 237 14.52 7.44 -10.08
CA TYR A 237 14.47 8.60 -10.95
C TYR A 237 15.26 9.77 -10.35
N MET A 238 15.22 9.91 -9.01
CA MET A 238 15.84 11.07 -8.39
C MET A 238 17.36 10.95 -8.43
N ALA A 239 17.83 9.71 -8.55
CA ALA A 239 19.24 9.41 -8.66
C ALA A 239 19.70 9.31 -10.11
N GLY A 240 18.86 9.69 -11.08
CA GLY A 240 19.27 9.71 -12.48
C GLY A 240 19.11 8.36 -13.18
N ILE A 241 18.65 7.33 -12.45
CA ILE A 241 18.38 6.03 -13.06
C ILE A 241 16.98 6.04 -13.68
N ASP A 242 16.93 6.32 -14.99
CA ASP A 242 15.68 6.50 -15.70
C ASP A 242 15.50 5.51 -16.85
N GLY A 243 16.29 4.44 -16.92
CA GLY A 243 16.21 3.55 -18.07
C GLY A 243 15.01 2.60 -17.97
N GLU A 244 14.39 2.31 -19.11
CA GLU A 244 13.24 1.39 -19.16
C GLU A 244 13.60 0.01 -18.61
N LYS A 245 14.72 -0.57 -19.08
CA LYS A 245 15.15 -1.91 -18.68
C LYS A 245 15.42 -1.96 -17.17
N GLU A 246 16.02 -0.90 -16.62
CA GLU A 246 16.32 -0.84 -15.20
C GLU A 246 15.00 -0.86 -14.41
N HIS A 247 14.09 0.03 -14.79
CA HIS A 247 12.75 0.07 -14.21
C HIS A 247 12.01 -1.26 -14.39
N ALA A 248 12.10 -1.89 -15.57
CA ALA A 248 11.42 -3.16 -15.77
C ALA A 248 11.96 -4.20 -14.77
N ASN A 249 13.28 -4.21 -14.57
CA ASN A 249 13.95 -5.15 -13.68
C ASN A 249 13.54 -4.94 -12.22
N ALA A 250 13.53 -3.68 -11.78
CA ALA A 250 13.13 -3.36 -10.42
C ALA A 250 11.68 -3.80 -10.20
N LYS A 251 10.83 -3.50 -11.20
CA LYS A 251 9.40 -3.77 -11.11
C LYS A 251 9.14 -5.27 -11.04
N LYS A 252 9.94 -6.06 -11.75
CA LYS A 252 9.75 -7.49 -11.73
C LYS A 252 9.94 -8.01 -10.28
N ILE A 253 10.99 -7.55 -9.61
CA ILE A 253 11.29 -7.95 -8.24
C ILE A 253 10.17 -7.46 -7.30
N LEU A 254 9.86 -6.16 -7.37
CA LEU A 254 9.03 -5.51 -6.37
C LEU A 254 7.58 -5.99 -6.47
N LEU A 255 7.06 -6.23 -7.68
CA LEU A 255 5.70 -6.75 -7.81
C LEU A 255 5.58 -8.09 -7.12
N GLU A 256 6.62 -8.93 -7.19
CA GLU A 256 6.54 -10.23 -6.56
C GLU A 256 6.67 -10.09 -5.05
N MET A 257 7.51 -9.16 -4.59
CA MET A 257 7.55 -8.85 -3.18
C MET A 257 6.14 -8.47 -2.71
N GLY A 258 5.48 -7.56 -3.43
CA GLY A 258 4.17 -7.05 -3.07
C GLY A 258 3.12 -8.16 -3.02
N GLU A 259 3.20 -9.11 -3.96
CA GLU A 259 2.32 -10.28 -3.95
C GLU A 259 2.52 -11.06 -2.66
N PHE A 260 3.76 -11.39 -2.34
CA PHE A 260 4.03 -12.15 -1.12
C PHE A 260 3.42 -11.42 0.08
N PHE A 261 3.63 -10.11 0.22
CA PHE A 261 3.34 -9.46 1.50
C PHE A 261 1.83 -9.30 1.73
N GLN A 262 1.03 -9.19 0.66
CA GLN A 262 -0.42 -9.13 0.79
C GLN A 262 -0.95 -10.50 1.20
N ILE A 263 -0.46 -11.56 0.53
CA ILE A 263 -0.78 -12.92 0.93
C ILE A 263 -0.42 -13.18 2.39
N GLN A 264 0.74 -12.66 2.84
CA GLN A 264 1.13 -12.73 4.24
C GLN A 264 0.12 -11.99 5.12
N ASP A 265 -0.41 -10.84 4.67
CA ASP A 265 -1.36 -10.07 5.47
C ASP A 265 -2.68 -10.82 5.58
N ASP A 266 -3.08 -11.51 4.51
CA ASP A 266 -4.33 -12.24 4.51
C ASP A 266 -4.26 -13.37 5.54
N TYR A 267 -3.13 -14.09 5.52
CA TYR A 267 -2.90 -15.19 6.44
C TYR A 267 -2.95 -14.66 7.87
N LEU A 268 -2.11 -13.66 8.16
CA LEU A 268 -2.00 -13.15 9.51
C LEU A 268 -3.36 -12.65 10.02
N ASP A 269 -4.20 -12.18 9.10
CA ASP A 269 -5.51 -11.67 9.46
C ASP A 269 -6.27 -12.72 10.26
N LEU A 270 -6.14 -13.99 9.85
CA LEU A 270 -6.78 -15.07 10.57
C LEU A 270 -5.81 -15.67 11.59
N PHE A 271 -4.69 -16.21 11.10
CA PHE A 271 -3.85 -17.09 11.90
C PHE A 271 -2.80 -16.32 12.68
N GLY A 272 -2.88 -14.98 12.71
CA GLY A 272 -1.94 -14.17 13.49
C GLY A 272 -2.44 -13.97 14.92
N ASP A 273 -1.64 -13.27 15.73
CA ASP A 273 -2.07 -12.75 17.01
C ASP A 273 -2.10 -11.23 16.88
N PRO A 274 -3.10 -10.53 17.45
CA PRO A 274 -3.21 -9.07 17.30
C PRO A 274 -1.99 -8.28 17.75
N SER A 275 -1.22 -8.84 18.69
CA SER A 275 0.05 -8.26 19.11
C SER A 275 1.05 -8.34 17.95
N VAL A 276 1.15 -9.51 17.33
CA VAL A 276 1.98 -9.73 16.16
C VAL A 276 1.53 -8.79 15.04
N THR A 277 0.22 -8.74 14.77
CA THR A 277 -0.32 -7.87 13.74
C THR A 277 -0.53 -6.48 14.33
N LYS A 279 -3.63 -5.12 14.60
CA LYS A 279 -5.12 -5.01 14.48
C LYS A 279 -5.76 -6.37 14.74
N ILE A 280 -7.10 -6.40 14.64
CA ILE A 280 -7.86 -7.64 14.78
C ILE A 280 -8.43 -8.01 13.41
N GLY A 281 -8.49 -9.31 13.12
CA GLY A 281 -8.86 -9.81 11.80
C GLY A 281 -10.37 -9.88 11.63
N THR A 282 -10.88 -9.43 10.47
CA THR A 282 -12.31 -9.40 10.21
C THR A 282 -12.60 -9.83 8.77
N ASP A 283 -11.64 -10.45 8.09
CA ASP A 283 -11.77 -10.71 6.66
C ASP A 283 -12.99 -11.58 6.37
N ILE A 284 -13.30 -12.52 7.27
CA ILE A 284 -14.28 -13.56 6.98
C ILE A 284 -15.69 -12.98 7.06
N GLN A 285 -15.98 -12.30 8.17
CA GLN A 285 -17.29 -11.68 8.37
C GLN A 285 -17.53 -10.57 7.33
N ASP A 286 -16.43 -10.10 6.69
CA ASP A 286 -16.47 -9.02 5.72
C ASP A 286 -16.60 -9.51 4.28
N ASN A 287 -16.56 -10.83 4.05
CA ASN A 287 -16.75 -11.39 2.71
C ASN A 287 -15.64 -10.92 1.77
N LYS A 288 -14.39 -11.14 2.16
CA LYS A 288 -13.26 -10.63 1.42
C LYS A 288 -12.72 -11.69 0.47
N CYS A 289 -12.22 -11.25 -0.69
CA CYS A 289 -11.43 -12.10 -1.57
C CYS A 289 -10.00 -12.16 -1.05
N SER A 290 -9.79 -13.04 -0.05
CA SER A 290 -8.56 -13.18 0.70
C SER A 290 -7.84 -14.42 0.19
N TRP A 291 -6.50 -14.44 0.28
CA TRP A 291 -5.75 -15.58 -0.25
C TRP A 291 -6.31 -16.87 0.32
N LEU A 292 -6.70 -16.83 1.60
CA LEU A 292 -7.13 -18.02 2.32
C LEU A 292 -8.33 -18.63 1.60
N VAL A 293 -9.38 -17.81 1.42
CA VAL A 293 -10.63 -18.26 0.80
C VAL A 293 -10.34 -18.80 -0.60
N VAL A 294 -9.47 -18.12 -1.33
CA VAL A 294 -9.15 -18.48 -2.70
C VAL A 294 -8.59 -19.91 -2.76
N GLN A 295 -7.63 -20.22 -1.87
CA GLN A 295 -6.98 -21.52 -1.86
C GLN A 295 -7.95 -22.58 -1.37
N CYS A 296 -8.77 -22.20 -0.40
CA CYS A 296 -9.86 -23.04 0.08
C CYS A 296 -10.69 -23.58 -1.08
N LEU A 297 -11.06 -22.69 -2.01
CA LEU A 297 -11.93 -22.99 -3.13
C LEU A 297 -11.26 -23.94 -4.12
N GLN A 298 -9.93 -23.86 -4.23
CA GLN A 298 -9.22 -24.66 -5.22
C GLN A 298 -9.25 -26.14 -4.86
N ARG A 299 -9.37 -26.45 -3.56
CA ARG A 299 -8.92 -27.72 -3.01
C ARG A 299 -10.07 -28.45 -2.31
N ALA A 300 -11.30 -28.24 -2.78
CA ALA A 300 -12.47 -28.65 -2.01
C ALA A 300 -13.37 -29.55 -2.83
N THR A 301 -13.87 -30.60 -2.16
CA THR A 301 -14.93 -31.45 -2.68
C THR A 301 -16.20 -30.62 -2.79
N PRO A 302 -17.16 -30.98 -3.67
CA PRO A 302 -18.40 -30.21 -3.81
C PRO A 302 -19.18 -29.89 -2.54
N GLU A 303 -18.96 -30.67 -1.47
CA GLU A 303 -19.73 -30.53 -0.24
C GLU A 303 -19.05 -29.53 0.71
N GLN A 304 -17.89 -28.99 0.32
CA GLN A 304 -17.20 -28.02 1.16
C GLN A 304 -17.47 -26.60 0.66
N TYR A 305 -17.73 -26.43 -0.65
CA TYR A 305 -18.24 -25.16 -1.16
C TYR A 305 -19.57 -24.83 -0.49
N GLN A 306 -20.42 -25.86 -0.29
CA GLN A 306 -21.78 -25.69 0.21
C GLN A 306 -21.81 -25.66 1.73
N ILE A 307 -20.63 -25.58 2.36
CA ILE A 307 -20.51 -25.23 3.77
C ILE A 307 -20.02 -23.79 3.85
N LEU A 308 -19.03 -23.47 3.02
CA LEU A 308 -18.42 -22.14 2.98
C LEU A 308 -19.43 -21.12 2.48
N LYS A 309 -20.17 -21.48 1.41
CA LYS A 309 -21.34 -20.70 1.03
C LYS A 309 -22.09 -20.35 2.31
N GLU A 310 -22.41 -21.38 3.11
CA GLU A 310 -23.28 -21.23 4.27
C GLU A 310 -22.69 -20.25 5.28
N ASN A 311 -21.36 -20.24 5.44
CA ASN A 311 -20.74 -19.58 6.59
C ASN A 311 -19.98 -18.30 6.20
N TYR A 312 -19.55 -18.17 4.96
CA TYR A 312 -18.64 -17.07 4.64
C TYR A 312 -19.44 -15.78 4.50
N GLY A 313 -19.16 -14.82 5.40
CA GLY A 313 -19.64 -13.46 5.28
C GLY A 313 -20.73 -13.12 6.31
N GLN A 314 -20.86 -13.96 7.34
CA GLN A 314 -21.93 -13.82 8.31
C GLN A 314 -21.42 -13.11 9.56
N LYS A 315 -22.26 -12.19 10.07
CA LYS A 315 -21.97 -11.41 11.27
C LYS A 315 -21.76 -12.29 12.49
N GLU A 316 -22.49 -13.41 12.57
CA GLU A 316 -22.46 -14.28 13.74
C GLU A 316 -21.08 -14.94 13.81
N ALA A 317 -20.68 -15.32 15.04
CA ALA A 317 -19.32 -15.73 15.33
C ALA A 317 -19.15 -17.26 15.36
N GLU A 318 -20.25 -18.00 15.54
CA GLU A 318 -20.22 -19.46 15.47
C GLU A 318 -19.93 -19.88 14.02
N LYS A 319 -20.40 -19.05 13.08
CA LYS A 319 -20.18 -19.24 11.65
C LYS A 319 -18.73 -18.92 11.28
N VAL A 320 -18.17 -17.84 11.84
CA VAL A 320 -16.82 -17.40 11.52
C VAL A 320 -15.81 -18.46 11.99
N ALA A 321 -16.17 -19.20 13.05
CA ALA A 321 -15.32 -20.26 13.61
C ALA A 321 -15.35 -21.52 12.72
N ARG A 322 -16.50 -21.77 12.08
CA ARG A 322 -16.66 -22.88 11.16
C ARG A 322 -15.70 -22.70 9.98
N VAL A 323 -15.52 -21.43 9.57
CA VAL A 323 -14.70 -21.10 8.41
C VAL A 323 -13.25 -21.38 8.74
N LYS A 324 -12.79 -20.86 9.90
CA LYS A 324 -11.43 -21.04 10.36
C LYS A 324 -11.10 -22.53 10.46
N ALA A 325 -12.03 -23.28 11.08
CA ALA A 325 -11.88 -24.70 11.29
C ALA A 325 -11.80 -25.47 9.96
N LEU A 326 -12.46 -24.95 8.92
CA LEU A 326 -12.41 -25.58 7.60
C LEU A 326 -11.04 -25.32 6.99
N TYR A 327 -10.57 -24.08 7.09
CA TYR A 327 -9.23 -23.76 6.60
C TYR A 327 -8.23 -24.68 7.28
N GLU A 328 -8.33 -24.79 8.61
CA GLU A 328 -7.44 -25.64 9.38
C GLU A 328 -7.48 -27.08 8.86
N GLU A 329 -8.68 -27.58 8.54
CA GLU A 329 -8.85 -28.96 8.10
C GLU A 329 -8.27 -29.14 6.70
N LEU A 330 -8.09 -28.04 5.97
CA LEU A 330 -7.56 -28.09 4.62
C LEU A 330 -6.04 -27.87 4.59
N ASP A 331 -5.39 -27.82 5.77
CA ASP A 331 -3.95 -27.70 5.89
C ASP A 331 -3.45 -26.44 5.19
N LEU A 332 -4.14 -25.31 5.37
CA LEU A 332 -3.82 -24.11 4.62
C LEU A 332 -2.58 -23.43 5.20
N PRO A 333 -2.29 -23.54 6.52
CA PRO A 333 -0.95 -23.18 7.01
C PRO A 333 0.18 -23.87 6.23
N ALA A 334 0.03 -25.17 5.99
CA ALA A 334 1.06 -25.93 5.29
C ALA A 334 1.22 -25.38 3.88
N VAL A 335 0.09 -25.12 3.22
CA VAL A 335 0.06 -24.62 1.86
C VAL A 335 0.71 -23.24 1.84
N PHE A 336 0.52 -22.48 2.92
CA PHE A 336 1.12 -21.15 3.06
C PHE A 336 2.63 -21.29 3.21
N LEU A 337 3.02 -22.15 4.15
CA LEU A 337 4.41 -22.42 4.44
C LEU A 337 5.12 -22.80 3.14
N GLN A 338 4.54 -23.73 2.37
CA GLN A 338 5.11 -24.15 1.10
C GLN A 338 5.20 -22.94 0.17
N TYR A 339 4.18 -22.07 0.19
CA TYR A 339 4.18 -20.88 -0.66
C TYR A 339 5.25 -19.89 -0.20
N GLU A 340 5.44 -19.76 1.12
CA GLU A 340 6.42 -18.86 1.71
C GLU A 340 7.84 -19.25 1.27
N GLU A 341 8.10 -20.57 1.20
CA GLU A 341 9.39 -21.09 0.81
C GLU A 341 9.68 -20.82 -0.66
N ASP A 342 8.78 -21.28 -1.54
CA ASP A 342 8.91 -21.06 -2.97
C ASP A 342 9.14 -19.56 -3.21
N SER A 343 8.50 -18.72 -2.40
CA SER A 343 8.47 -17.29 -2.63
C SER A 343 9.82 -16.67 -2.26
N TYR A 344 10.29 -16.94 -1.04
CA TYR A 344 11.61 -16.48 -0.61
C TYR A 344 12.69 -16.88 -1.61
N SER A 345 12.65 -18.12 -2.11
CA SER A 345 13.64 -18.61 -3.07
C SER A 345 13.58 -17.80 -4.36
N HIS A 346 12.37 -17.60 -4.87
CA HIS A 346 12.20 -16.95 -6.17
C HIS A 346 12.63 -15.50 -6.07
N ILE A 347 12.29 -14.85 -4.95
CA ILE A 347 12.63 -13.45 -4.78
C ILE A 347 14.16 -13.29 -4.73
N MET A 348 14.83 -14.14 -3.95
CA MET A 348 16.27 -14.08 -3.85
C MET A 348 16.88 -14.29 -5.24
N ALA A 349 16.33 -15.24 -6.01
CA ALA A 349 16.81 -15.49 -7.38
C ALA A 349 16.62 -14.24 -8.26
N LEU A 350 15.46 -13.61 -8.13
CA LEU A 350 15.19 -12.41 -8.91
C LEU A 350 16.17 -11.31 -8.52
N ILE A 351 16.40 -11.14 -7.20
CA ILE A 351 17.32 -10.11 -6.73
C ILE A 351 18.73 -10.40 -7.26
N GLU A 352 19.14 -11.68 -7.27
CA GLU A 352 20.41 -12.08 -7.87
C GLU A 352 20.48 -11.65 -9.33
N GLN A 353 19.49 -12.04 -10.13
CA GLN A 353 19.49 -11.72 -11.55
C GLN A 353 19.35 -10.22 -11.78
N TYR A 354 18.24 -9.61 -11.32
CA TYR A 354 17.76 -8.35 -11.87
C TYR A 354 18.06 -7.12 -11.00
N ALA A 355 18.74 -7.28 -9.86
CA ALA A 355 18.99 -6.12 -9.01
C ALA A 355 19.98 -5.18 -9.68
N ALA A 356 21.03 -5.79 -10.23
CA ALA A 356 22.12 -5.09 -10.89
C ALA A 356 21.58 -4.21 -12.02
N PRO A 357 21.92 -2.91 -12.08
CA PRO A 357 23.01 -2.33 -11.27
C PRO A 357 22.63 -1.67 -9.95
N LEU A 358 21.41 -1.92 -9.46
CA LEU A 358 21.05 -1.40 -8.15
C LEU A 358 21.71 -2.27 -7.08
N PRO A 359 22.04 -1.70 -5.90
CA PRO A 359 22.58 -2.49 -4.81
C PRO A 359 21.48 -3.42 -4.28
N PRO A 360 21.74 -4.73 -4.13
CA PRO A 360 20.71 -5.65 -3.63
C PRO A 360 20.09 -5.29 -2.28
N ALA A 361 20.82 -4.58 -1.42
CA ALA A 361 20.29 -4.16 -0.13
C ALA A 361 19.04 -3.27 -0.25
N VAL A 362 18.77 -2.71 -1.42
CA VAL A 362 17.61 -1.87 -1.60
C VAL A 362 16.36 -2.73 -1.47
N PHE A 363 16.37 -3.87 -2.18
CA PHE A 363 15.32 -4.86 -2.12
C PHE A 363 15.30 -5.55 -0.75
N LEU A 364 16.44 -6.14 -0.39
CA LEU A 364 16.57 -6.96 0.81
C LEU A 364 16.09 -6.21 2.06
N GLY A 365 16.37 -4.90 2.12
CA GLY A 365 16.03 -4.11 3.28
C GLY A 365 14.52 -3.98 3.39
N LEU A 366 13.90 -3.58 2.28
CA LEU A 366 12.46 -3.46 2.22
C LEU A 366 11.80 -4.78 2.64
N ALA A 367 12.20 -5.89 2.00
CA ALA A 367 11.76 -7.22 2.39
C ALA A 367 11.84 -7.42 3.90
N ARG A 368 13.02 -7.27 4.49
CA ARG A 368 13.20 -7.45 5.92
C ARG A 368 12.23 -6.55 6.69
N LYS A 369 12.05 -5.30 6.24
CA LYS A 369 11.28 -4.30 6.99
C LYS A 369 9.77 -4.60 6.97
N ILE A 370 9.27 -5.12 5.86
CA ILE A 370 7.83 -5.32 5.71
C ILE A 370 7.45 -6.64 6.37
N TYR A 371 8.40 -7.58 6.46
CA TYR A 371 8.11 -8.93 6.94
C TYR A 371 7.56 -8.88 8.37
N LYS A 372 6.34 -9.40 8.56
CA LYS A 372 5.62 -9.33 9.82
C LYS A 372 5.30 -10.78 10.29
P PO4 B . 0.09 2.23 7.14
O1 PO4 B . 0.55 3.54 6.51
O2 PO4 B . 1.26 1.59 7.90
O3 PO4 B . -1.06 2.52 8.11
O4 PO4 B . -0.39 1.26 6.05
OAJ JD5 C . 6.75 -19.53 8.76
PAI JD5 C . 8.14 -20.05 8.94
OAK JD5 C . 8.28 -20.96 10.13
OAL JD5 C . 8.69 -20.68 7.66
CAH JD5 C . 9.12 -18.54 9.23
PAM JD5 C . 8.25 -17.35 10.35
OAO JD5 C . 9.34 -16.50 10.98
OAP JD5 C . 7.55 -18.18 11.38
OAN JD5 C . 7.26 -16.52 9.58
NAG JD5 C . 9.34 -18.08 7.85
CAD JD5 C . 10.46 -17.48 7.28
CAE JD5 C . 10.25 -16.77 6.10
CAC JD5 C . 11.78 -17.60 7.75
NAB JD5 C . 12.81 -16.98 7.15
CAA JD5 C . 12.56 -16.26 6.05
CAF JD5 C . 11.30 -16.10 5.49
CAQ JD5 C . 10.99 -15.29 4.28
CAV JD5 C . 9.98 -15.66 3.41
CAU JD5 C . 9.60 -14.88 2.34
CAR JD5 C . 11.49 -14.00 4.15
CAS JD5 C . 11.11 -13.18 3.09
CAT JD5 C . 10.16 -13.62 2.19
OAW JD5 C . 9.73 -12.88 1.12
CAX JD5 C . 10.20 -11.57 0.92
CAY JD5 C . 11.30 -11.41 -0.06
CAZ JD5 C . 9.92 -10.97 -0.41
#